data_8Z2M
#
_entry.id   8Z2M
#
_cell.length_a   77.126
_cell.length_b   77.126
_cell.length_c   86.385
_cell.angle_alpha   90.000
_cell.angle_beta   90.000
_cell.angle_gamma   120.000
#
_symmetry.space_group_name_H-M   'P 64'
#
loop_
_entity.id
_entity.type
_entity.pdbx_description
1 polymer Glycinyltransferase
2 non-polymer 'SULFATE ION'
3 water water
#
_entity_poly.entity_id   1
_entity_poly.type   'polypeptide(L)'
_entity_poly.pdbx_seq_one_letter_code
;MSRNYEKLSIEEFGAHLLGTVDLDPIYLALRRMELPEAQLNRWLLAYWCLYNGGEASYLSEFEGREFFEMLNHAAENVRE
APIGGRWPRGAERRHWRGAQATSSVEYLIDRYDDRPEDMAAYCAGQGGTFLEVTKRVQEHRLFGPWIGFKVADMVDRVLG
KPVSFDNAAVFMFKDPYKAACIQYEVNPNIPDHVLADGSVAPRNRELVTPETVHHVAQHLIEHFKGFQAPPLGDRPVNIQ
EVETILCKWKSHQNGHYPLFKDIVEIREAALPWAKVSKTAQAFFEAMPEVTQ
;
_entity_poly.pdbx_strand_id   A
#
# COMPACT_ATOMS: atom_id res chain seq x y z
N TYR A 5 0.72 -16.73 -18.60
CA TYR A 5 -0.45 -15.89 -18.85
C TYR A 5 -0.13 -14.82 -19.90
N GLU A 6 -1.17 -14.32 -20.56
CA GLU A 6 -1.01 -13.29 -21.59
C GLU A 6 -0.63 -11.96 -20.95
N LYS A 7 0.40 -11.31 -21.49
CA LYS A 7 0.82 -10.00 -21.00
C LYS A 7 -0.05 -8.92 -21.65
N LEU A 8 -0.71 -8.12 -20.82
CA LEU A 8 -1.61 -7.08 -21.28
C LEU A 8 -0.91 -5.72 -21.34
N SER A 9 -1.45 -4.84 -22.18
CA SER A 9 -1.03 -3.45 -22.15
C SER A 9 -1.33 -2.86 -20.77
N ILE A 10 -0.65 -1.76 -20.45
CA ILE A 10 -0.90 -1.10 -19.18
C ILE A 10 -2.32 -0.53 -19.14
N GLU A 11 -2.83 -0.12 -20.31
CA GLU A 11 -4.20 0.39 -20.38
C GLU A 11 -5.21 -0.69 -20.02
N GLU A 12 -5.04 -1.89 -20.57
CA GLU A 12 -5.98 -2.96 -20.28
C GLU A 12 -5.76 -3.52 -18.87
N PHE A 13 -4.50 -3.63 -18.45
CA PHE A 13 -4.16 -4.12 -17.12
C PHE A 13 -4.67 -3.14 -16.05
N GLY A 14 -4.42 -1.85 -16.25
CA GLY A 14 -4.92 -0.85 -15.33
C GLY A 14 -6.44 -0.85 -15.24
N ALA A 15 -7.13 -1.04 -16.38
CA ALA A 15 -8.58 -1.03 -16.36
C ALA A 15 -9.10 -2.22 -15.56
N HIS A 16 -8.37 -3.35 -15.61
CA HIS A 16 -8.75 -4.51 -14.82
C HIS A 16 -8.51 -4.27 -13.33
N LEU A 17 -7.32 -3.77 -12.96
CA LEU A 17 -7.08 -3.42 -11.56
C LEU A 17 -8.18 -2.52 -11.02
N LEU A 18 -8.58 -1.51 -11.80
CA LEU A 18 -9.51 -0.50 -11.29
C LEU A 18 -10.91 -1.08 -11.17
N GLY A 19 -11.36 -1.84 -12.17
CA GLY A 19 -12.73 -2.32 -12.17
C GLY A 19 -12.98 -3.43 -11.17
N THR A 20 -11.98 -4.27 -10.89
CA THR A 20 -12.13 -5.34 -9.92
C THR A 20 -11.71 -4.92 -8.52
N VAL A 21 -11.11 -3.74 -8.40
CA VAL A 21 -10.53 -3.22 -7.17
C VAL A 21 -9.41 -4.18 -6.74
N ASP A 22 -8.85 -4.94 -7.68
CA ASP A 22 -7.57 -5.59 -7.42
C ASP A 22 -6.43 -4.60 -7.21
N LEU A 23 -6.65 -3.32 -7.54
CA LEU A 23 -5.62 -2.30 -7.39
C LEU A 23 -5.12 -2.22 -5.96
N ASP A 24 -6.03 -2.18 -4.99
CA ASP A 24 -5.71 -2.12 -3.57
C ASP A 24 -6.93 -2.61 -2.81
N PRO A 25 -7.19 -3.91 -2.85
CA PRO A 25 -8.44 -4.43 -2.30
C PRO A 25 -8.59 -4.22 -0.81
N ILE A 26 -7.49 -4.17 -0.06
CA ILE A 26 -7.55 -3.93 1.38
C ILE A 26 -8.32 -2.65 1.68
N TYR A 27 -8.16 -1.60 0.86
CA TYR A 27 -8.81 -0.33 1.17
C TYR A 27 -10.33 -0.48 1.10
N LEU A 28 -10.81 -1.27 0.14
CA LEU A 28 -12.26 -1.48 0.06
C LEU A 28 -12.75 -2.36 1.21
N ALA A 29 -11.96 -3.39 1.55
CA ALA A 29 -12.29 -4.23 2.69
C ALA A 29 -12.48 -3.39 3.96
N LEU A 30 -11.51 -2.51 4.24
CA LEU A 30 -11.59 -1.71 5.46
C LEU A 30 -12.78 -0.75 5.41
N ARG A 31 -13.01 -0.09 4.28
CA ARG A 31 -14.18 0.79 4.17
C ARG A 31 -15.45 0.01 4.43
N ARG A 32 -15.53 -1.24 3.95
CA ARG A 32 -16.76 -2.03 4.15
C ARG A 32 -16.94 -2.39 5.62
N MET A 33 -15.84 -2.63 6.33
CA MET A 33 -15.95 -3.11 7.71
C MET A 33 -16.52 -2.03 8.62
N GLU A 34 -16.29 -0.75 8.31
CA GLU A 34 -16.73 0.35 9.17
C GLU A 34 -16.34 0.08 10.62
N LEU A 35 -15.05 -0.11 10.85
CA LEU A 35 -14.61 -0.37 12.21
C LEU A 35 -14.74 0.90 13.06
N PRO A 36 -14.95 0.76 14.36
CA PRO A 36 -14.88 1.94 15.24
C PRO A 36 -13.49 2.56 15.19
N GLU A 37 -13.45 3.88 15.43
CA GLU A 37 -12.23 4.65 15.18
C GLU A 37 -11.01 4.05 15.88
N ALA A 38 -11.11 3.79 17.19
CA ALA A 38 -9.95 3.29 17.91
C ALA A 38 -9.50 1.93 17.38
N GLN A 39 -10.44 1.03 17.10
CA GLN A 39 -10.05 -0.28 16.57
C GLN A 39 -9.44 -0.14 15.17
N LEU A 40 -10.01 0.73 14.34
CA LEU A 40 -9.45 0.95 13.02
C LEU A 40 -8.00 1.44 13.12
N ASN A 41 -7.74 2.39 14.03
CA ASN A 41 -6.38 2.89 14.22
C ASN A 41 -5.44 1.77 14.71
N ARG A 42 -5.92 0.89 15.58
CA ARG A 42 -5.09 -0.25 16.00
C ARG A 42 -4.87 -1.23 14.84
N TRP A 43 -5.91 -1.50 14.05
CA TRP A 43 -5.77 -2.34 12.88
C TRP A 43 -4.67 -1.82 11.96
N LEU A 44 -4.74 -0.53 11.65
CA LEU A 44 -3.78 0.11 10.76
C LEU A 44 -2.35 0.05 11.30
N LEU A 45 -2.15 0.34 12.60
CA LEU A 45 -0.83 0.21 13.18
C LEU A 45 -0.29 -1.21 13.04
N ALA A 46 -1.09 -2.20 13.43
CA ALA A 46 -0.69 -3.60 13.23
C ALA A 46 -0.38 -3.89 11.78
N TYR A 47 -1.20 -3.40 10.85
CA TYR A 47 -0.99 -3.68 9.44
C TYR A 47 0.27 -3.00 8.93
N TRP A 48 0.51 -1.77 9.37
CA TRP A 48 1.74 -1.10 8.99
C TRP A 48 2.97 -1.76 9.58
N CYS A 49 2.85 -2.53 10.68
CA CYS A 49 4.03 -3.25 11.16
C CYS A 49 4.26 -4.53 10.37
N LEU A 50 3.23 -5.34 10.21
CA LEU A 50 3.36 -6.71 9.70
C LEU A 50 2.87 -6.90 8.28
N TYR A 51 2.03 -6.00 7.79
CA TYR A 51 1.57 -6.05 6.40
C TYR A 51 0.86 -7.38 6.10
N ASN A 52 -0.02 -7.78 7.02
CA ASN A 52 -0.86 -8.95 6.85
C ASN A 52 -2.22 -8.60 7.45
N GLY A 53 -3.25 -8.55 6.60
CA GLY A 53 -4.53 -7.98 7.03
C GLY A 53 -5.32 -8.86 8.00
N GLY A 54 -5.27 -10.17 7.80
CA GLY A 54 -5.93 -11.06 8.76
C GLY A 54 -5.24 -11.02 10.11
N GLU A 55 -3.91 -10.96 10.10
CA GLU A 55 -3.15 -10.82 11.35
C GLU A 55 -3.47 -9.48 12.01
N ALA A 56 -3.48 -8.40 11.22
CA ALA A 56 -3.86 -7.10 11.75
C ALA A 56 -5.26 -7.15 12.37
N SER A 57 -6.19 -7.85 11.73
CA SER A 57 -7.55 -7.93 12.28
C SER A 57 -7.55 -8.56 13.66
N TYR A 58 -6.94 -9.73 13.79
CA TYR A 58 -6.78 -10.39 15.10
C TYR A 58 -6.20 -9.42 16.12
N LEU A 59 -5.08 -8.77 15.79
CA LEU A 59 -4.44 -7.89 16.76
C LEU A 59 -5.30 -6.68 17.10
N SER A 60 -6.12 -6.19 16.15
CA SER A 60 -6.88 -4.96 16.38
C SER A 60 -7.88 -5.05 17.52
N GLU A 61 -8.29 -6.26 17.92
CA GLU A 61 -9.29 -6.44 18.97
C GLU A 61 -8.71 -6.33 20.38
N PHE A 62 -7.39 -6.46 20.52
CA PHE A 62 -6.75 -6.19 21.80
C PHE A 62 -6.63 -4.69 22.00
N GLU A 63 -6.75 -4.25 23.25
CA GLU A 63 -6.83 -2.83 23.58
C GLU A 63 -5.73 -2.42 24.56
N GLY A 64 -5.34 -1.15 24.47
CA GLY A 64 -4.47 -0.57 25.48
C GLY A 64 -3.08 -1.18 25.46
N ARG A 65 -2.51 -1.36 26.66
CA ARG A 65 -1.22 -2.01 26.78
C ARG A 65 -1.27 -3.46 26.31
N GLU A 66 -2.46 -4.07 26.38
CA GLU A 66 -2.61 -5.44 25.91
C GLU A 66 -2.37 -5.53 24.40
N PHE A 67 -2.82 -4.53 23.64
CA PHE A 67 -2.50 -4.51 22.22
C PHE A 67 -1.00 -4.57 22.02
N PHE A 68 -0.26 -3.77 22.78
CA PHE A 68 1.19 -3.70 22.59
C PHE A 68 1.88 -4.98 23.07
N GLU A 69 1.34 -5.66 24.09
CA GLU A 69 1.84 -6.97 24.46
C GLU A 69 1.70 -7.97 23.31
N MET A 70 0.51 -8.04 22.69
CA MET A 70 0.29 -8.99 21.60
C MET A 70 1.14 -8.64 20.38
N LEU A 71 1.20 -7.36 20.03
CA LEU A 71 2.10 -6.93 18.95
C LEU A 71 3.54 -7.34 19.25
N ASN A 72 3.94 -7.26 20.52
CA ASN A 72 5.27 -7.66 20.93
C ASN A 72 5.49 -9.16 20.75
N HIS A 73 4.46 -9.99 20.98
CA HIS A 73 4.57 -11.40 20.66
C HIS A 73 4.90 -11.59 19.18
N ALA A 74 4.21 -10.86 18.30
CA ALA A 74 4.46 -10.96 16.86
C ALA A 74 5.87 -10.47 16.53
N ALA A 75 6.31 -9.38 17.16
CA ALA A 75 7.66 -8.89 16.94
C ALA A 75 8.69 -9.95 17.28
N GLU A 76 8.63 -10.49 18.50
CA GLU A 76 9.61 -11.49 18.92
C GLU A 76 9.50 -12.76 18.07
N ASN A 77 8.29 -13.17 17.72
CA ASN A 77 8.06 -14.32 16.84
C ASN A 77 8.67 -15.61 17.38
N VAL A 78 8.61 -15.79 18.70
CA VAL A 78 8.99 -17.05 19.30
C VAL A 78 7.77 -17.86 19.71
N ARG A 79 6.73 -17.20 20.20
CA ARG A 79 5.49 -17.87 20.52
C ARG A 79 4.70 -18.14 19.26
N GLU A 80 3.87 -19.17 19.31
CA GLU A 80 3.12 -19.55 18.13
C GLU A 80 2.01 -18.54 17.84
N ALA A 81 1.87 -18.18 16.56
CA ALA A 81 0.72 -17.40 16.13
C ALA A 81 -0.56 -18.20 16.39
N PRO A 82 -1.71 -17.53 16.48
CA PRO A 82 -2.96 -18.26 16.76
C PRO A 82 -3.36 -19.18 15.62
N ILE A 83 -2.79 -19.01 14.44
CA ILE A 83 -3.10 -19.85 13.28
C ILE A 83 -2.12 -21.01 13.19
N GLY A 84 -1.27 -21.16 14.19
CA GLY A 84 -0.18 -22.12 14.10
C GLY A 84 1.02 -21.57 13.37
N GLY A 85 2.21 -22.04 13.75
CA GLY A 85 3.42 -21.55 13.10
C GLY A 85 3.80 -20.14 13.49
N ARG A 86 4.61 -19.51 12.63
CA ARG A 86 5.15 -18.21 12.96
C ARG A 86 4.17 -17.10 12.59
N TRP A 87 4.35 -15.94 13.22
CA TRP A 87 3.60 -14.72 12.91
C TRP A 87 4.05 -14.16 11.56
N PRO A 88 3.24 -14.27 10.51
CA PRO A 88 3.74 -13.94 9.17
C PRO A 88 3.93 -12.44 8.95
N ARG A 89 4.81 -12.12 8.00
CA ARG A 89 4.98 -10.78 7.47
C ARG A 89 4.71 -10.76 5.97
N GLY A 90 3.97 -9.78 5.50
CA GLY A 90 3.99 -9.49 4.07
C GLY A 90 5.38 -9.09 3.62
N ALA A 91 5.70 -9.37 2.36
CA ALA A 91 7.06 -9.12 1.89
C ALA A 91 7.47 -7.66 2.11
N GLU A 92 6.51 -6.73 2.06
CA GLU A 92 6.85 -5.31 2.25
C GLU A 92 7.41 -5.01 3.62
N ARG A 93 7.15 -5.86 4.63
CA ARG A 93 7.67 -5.62 5.96
C ARG A 93 8.44 -6.84 6.47
N ARG A 94 9.00 -7.63 5.56
CA ARG A 94 9.83 -8.78 5.93
C ARG A 94 10.93 -8.38 6.90
N HIS A 95 11.44 -7.16 6.80
CA HIS A 95 12.53 -6.70 7.65
C HIS A 95 12.07 -6.30 9.05
N TRP A 96 10.76 -6.30 9.33
CA TRP A 96 10.24 -6.04 10.67
C TRP A 96 10.36 -7.34 11.48
N ARG A 97 11.58 -7.63 11.92
CA ARG A 97 11.88 -8.90 12.58
C ARG A 97 13.03 -8.69 13.56
N GLY A 98 13.17 -9.65 14.47
CA GLY A 98 14.29 -9.66 15.39
C GLY A 98 14.29 -8.45 16.31
N ALA A 99 15.49 -8.06 16.75
CA ALA A 99 15.61 -6.97 17.69
C ALA A 99 15.09 -5.66 17.10
N GLN A 100 15.14 -5.53 15.78
CA GLN A 100 14.59 -4.35 15.13
C GLN A 100 13.09 -4.23 15.37
N ALA A 101 12.37 -5.34 15.26
CA ALA A 101 10.93 -5.31 15.51
C ALA A 101 10.62 -5.05 16.98
N THR A 102 11.34 -5.70 17.89
CA THR A 102 11.04 -5.49 19.32
C THR A 102 11.39 -4.07 19.75
N SER A 103 12.50 -3.52 19.23
CA SER A 103 12.81 -2.11 19.48
C SER A 103 11.74 -1.20 18.90
N SER A 104 11.17 -1.58 17.76
CA SER A 104 10.08 -0.82 17.17
C SER A 104 8.86 -0.79 18.09
N VAL A 105 8.51 -1.94 18.67
CA VAL A 105 7.39 -1.98 19.60
C VAL A 105 7.71 -1.18 20.86
N GLU A 106 8.94 -1.29 21.37
CA GLU A 106 9.30 -0.55 22.58
C GLU A 106 9.16 0.94 22.38
N TYR A 107 9.63 1.45 21.23
CA TYR A 107 9.41 2.85 20.88
C TYR A 107 7.94 3.21 20.98
N LEU A 108 7.08 2.34 20.46
CA LEU A 108 5.65 2.63 20.45
C LEU A 108 5.06 2.63 21.85
N ILE A 109 5.45 1.65 22.68
CA ILE A 109 4.98 1.60 24.07
C ILE A 109 5.40 2.86 24.81
N ASP A 110 6.65 3.29 24.64
CA ASP A 110 7.10 4.49 25.34
C ASP A 110 6.39 5.74 24.83
N ARG A 111 6.03 5.77 23.56
CA ARG A 111 5.40 6.99 23.03
C ARG A 111 3.91 7.03 23.34
N TYR A 112 3.20 5.90 23.21
CA TYR A 112 1.74 5.93 23.27
C TYR A 112 1.16 5.23 24.49
N ASP A 113 1.98 4.54 25.28
CA ASP A 113 1.58 3.96 26.57
C ASP A 113 0.37 3.06 26.34
N ASP A 114 -0.81 3.37 26.89
CA ASP A 114 -1.98 2.53 26.75
C ASP A 114 -2.94 3.02 25.67
N ARG A 115 -2.49 3.92 24.79
CA ARG A 115 -3.31 4.44 23.69
C ARG A 115 -2.64 4.15 22.35
N PRO A 116 -2.57 2.87 21.95
CA PRO A 116 -2.00 2.55 20.63
C PRO A 116 -2.74 3.19 19.47
N GLU A 117 -4.02 3.49 19.67
CA GLU A 117 -4.86 4.11 18.64
C GLU A 117 -4.40 5.51 18.26
N ASP A 118 -3.65 6.18 19.14
CA ASP A 118 -3.22 7.54 18.84
C ASP A 118 -2.18 7.58 17.74
N MET A 119 -1.52 6.45 17.44
CA MET A 119 -0.46 6.46 16.45
C MET A 119 -0.99 6.82 15.07
N ALA A 120 -1.96 6.03 14.58
CA ALA A 120 -2.56 6.32 13.28
C ALA A 120 -3.24 7.69 13.28
N ALA A 121 -3.88 8.06 14.40
CA ALA A 121 -4.47 9.38 14.50
C ALA A 121 -3.43 10.47 14.33
N TYR A 122 -2.27 10.33 14.97
CA TYR A 122 -1.21 11.33 14.82
C TYR A 122 -0.69 11.36 13.39
N CYS A 123 -0.39 10.19 12.82
CA CYS A 123 0.05 10.14 11.43
C CYS A 123 -0.95 10.81 10.50
N ALA A 124 -2.23 10.43 10.63
CA ALA A 124 -3.24 10.97 9.73
C ALA A 124 -3.41 12.46 9.92
N GLY A 125 -3.42 12.92 11.17
CA GLY A 125 -3.69 14.32 11.45
C GLY A 125 -4.93 14.77 10.72
N GLN A 126 -4.81 15.86 9.98
CA GLN A 126 -5.87 16.32 9.09
C GLN A 126 -5.50 16.11 7.63
N GLY A 127 -4.63 15.14 7.35
CA GLY A 127 -4.09 15.00 6.02
C GLY A 127 -2.96 15.99 5.81
N GLY A 128 -2.82 16.47 4.58
CA GLY A 128 -1.81 17.48 4.32
C GLY A 128 -0.97 17.15 3.11
N THR A 129 0.27 17.63 3.06
CA THR A 129 1.15 17.27 1.96
C THR A 129 1.76 15.91 2.21
N PHE A 130 2.22 15.28 1.13
CA PHE A 130 2.93 14.02 1.25
C PHE A 130 4.11 14.16 2.21
N LEU A 131 4.83 15.26 2.11
CA LEU A 131 5.99 15.50 2.96
C LEU A 131 5.59 15.50 4.43
N GLU A 132 4.51 16.21 4.77
CA GLU A 132 4.11 16.30 6.17
C GLU A 132 3.64 14.95 6.70
N VAL A 133 2.87 14.20 5.90
CA VAL A 133 2.34 12.95 6.42
C VAL A 133 3.43 11.90 6.57
N THR A 134 4.31 11.76 5.56
CA THR A 134 5.38 10.77 5.71
C THR A 134 6.35 11.15 6.80
N LYS A 135 6.58 12.45 7.05
CA LYS A 135 7.43 12.84 8.17
C LYS A 135 6.87 12.35 9.49
N ARG A 136 5.55 12.48 9.66
CA ARG A 136 4.95 12.05 10.93
C ARG A 136 5.01 10.53 11.07
N VAL A 137 4.77 9.79 10.00
CA VAL A 137 4.98 8.34 10.04
C VAL A 137 6.41 8.02 10.43
N GLN A 138 7.37 8.62 9.74
CA GLN A 138 8.77 8.25 9.86
C GLN A 138 9.41 8.71 11.16
N GLU A 139 8.71 9.47 12.00
CA GLU A 139 9.20 9.68 13.36
C GLU A 139 9.37 8.35 14.07
N HIS A 140 8.54 7.37 13.72
CA HIS A 140 8.47 6.14 14.49
C HIS A 140 9.59 5.18 14.11
N ARG A 141 10.13 4.49 15.10
CA ARG A 141 11.25 3.57 14.93
C ARG A 141 10.88 2.44 13.97
N LEU A 142 11.74 2.20 12.98
CA LEU A 142 11.55 1.18 11.94
C LEU A 142 10.36 1.50 11.04
N PHE A 143 10.09 2.78 10.82
CA PHE A 143 9.09 3.19 9.83
C PHE A 143 9.86 4.08 8.85
N GLY A 144 10.23 3.50 7.71
CA GLY A 144 11.05 4.18 6.73
C GLY A 144 10.22 4.79 5.62
N PRO A 145 10.86 5.20 4.53
CA PRO A 145 10.15 5.93 3.48
C PRO A 145 9.14 5.07 2.72
N TRP A 146 9.39 3.76 2.61
CA TRP A 146 8.48 2.91 1.84
C TRP A 146 7.15 2.73 2.56
N ILE A 147 7.20 2.39 3.86
CA ILE A 147 5.95 2.33 4.62
C ILE A 147 5.36 3.73 4.79
N GLY A 148 6.21 4.76 4.91
CA GLY A 148 5.70 6.14 4.95
C GLY A 148 4.80 6.45 3.76
N PHE A 149 5.26 6.09 2.55
CA PHE A 149 4.45 6.28 1.33
C PHE A 149 3.12 5.54 1.42
N LYS A 150 3.16 4.26 1.82
CA LYS A 150 1.95 3.45 1.92
C LYS A 150 0.98 4.07 2.91
N VAL A 151 1.47 4.52 4.07
CA VAL A 151 0.58 5.12 5.06
C VAL A 151 -0.08 6.38 4.50
N ALA A 152 0.70 7.23 3.81
CA ALA A 152 0.12 8.42 3.18
C ALA A 152 -1.03 8.06 2.25
N ASP A 153 -0.85 7.04 1.41
CA ASP A 153 -1.92 6.59 0.54
C ASP A 153 -3.15 6.17 1.36
N MET A 154 -2.93 5.45 2.47
CA MET A 154 -4.03 4.93 3.27
C MET A 154 -4.71 6.02 4.09
N VAL A 155 -3.96 7.03 4.52
CA VAL A 155 -4.58 8.17 5.19
C VAL A 155 -5.62 8.83 4.29
N ASP A 156 -5.35 8.87 2.97
CA ASP A 156 -6.31 9.40 2.00
C ASP A 156 -7.40 8.37 1.70
N ARG A 157 -7.00 7.17 1.26
CA ARG A 157 -7.95 6.21 0.72
C ARG A 157 -8.80 5.54 1.79
N VAL A 158 -8.26 5.36 3.00
CA VAL A 158 -8.97 4.64 4.07
C VAL A 158 -9.57 5.61 5.08
N LEU A 159 -8.76 6.55 5.59
CA LEU A 159 -9.22 7.48 6.61
C LEU A 159 -9.87 8.73 6.04
N GLY A 160 -9.86 8.90 4.71
CA GLY A 160 -10.59 9.98 4.09
C GLY A 160 -9.99 11.35 4.31
N LYS A 161 -8.69 11.42 4.54
CA LYS A 161 -8.08 12.74 4.73
C LYS A 161 -7.12 13.02 3.60
N PRO A 162 -7.39 14.02 2.74
CA PRO A 162 -6.61 14.15 1.50
C PRO A 162 -5.13 14.41 1.79
N VAL A 163 -4.28 13.75 1.01
CA VAL A 163 -2.84 13.91 1.08
C VAL A 163 -2.38 14.26 -0.32
N SER A 164 -1.73 15.42 -0.49
CA SER A 164 -1.34 15.84 -1.83
C SER A 164 -0.04 15.14 -2.24
N PHE A 165 -0.15 14.23 -3.20
CA PHE A 165 0.98 13.59 -3.85
C PHE A 165 1.30 14.37 -5.11
N ASP A 166 2.58 14.41 -5.48
CA ASP A 166 2.92 14.88 -6.81
C ASP A 166 3.88 13.89 -7.44
N ASN A 167 4.29 14.18 -8.68
CA ASN A 167 5.13 13.23 -9.41
C ASN A 167 6.50 13.04 -8.76
N ALA A 168 7.05 14.08 -8.14
CA ALA A 168 8.36 13.93 -7.50
C ALA A 168 8.29 12.99 -6.29
N ALA A 169 7.19 13.00 -5.55
CA ALA A 169 7.06 12.12 -4.41
C ALA A 169 6.93 10.66 -4.83
N VAL A 170 6.42 10.41 -6.02
CA VAL A 170 6.32 9.03 -6.50
C VAL A 170 7.61 8.57 -7.16
N PHE A 171 8.22 9.39 -8.01
CA PHE A 171 9.29 8.88 -8.85
C PHE A 171 10.66 9.04 -8.21
N MET A 172 10.72 9.51 -6.97
CA MET A 172 11.90 9.32 -6.15
C MET A 172 12.07 7.86 -5.71
N PHE A 173 11.07 7.01 -5.96
CA PHE A 173 11.16 5.59 -5.62
C PHE A 173 11.59 4.79 -6.85
N LYS A 174 12.50 3.85 -6.64
CA LYS A 174 13.15 3.16 -7.74
C LYS A 174 12.14 2.36 -8.57
N ASP A 175 11.18 1.69 -7.93
CA ASP A 175 10.33 0.79 -8.69
C ASP A 175 9.37 1.53 -9.64
N PRO A 176 8.57 2.50 -9.19
CA PRO A 176 7.76 3.25 -10.19
C PRO A 176 8.61 4.02 -11.19
N TYR A 177 9.83 4.45 -10.82
CA TYR A 177 10.71 5.06 -11.81
C TYR A 177 11.04 4.08 -12.92
N LYS A 178 11.43 2.84 -12.55
CA LYS A 178 11.83 1.86 -13.56
C LYS A 178 10.64 1.43 -14.40
N ALA A 179 9.46 1.30 -13.77
CA ALA A 179 8.25 0.97 -14.51
C ALA A 179 7.95 2.03 -15.57
N ALA A 180 8.09 3.31 -15.19
CA ALA A 180 7.86 4.37 -16.16
C ALA A 180 8.88 4.34 -17.29
N CYS A 181 10.13 3.95 -17.01
CA CYS A 181 11.13 3.87 -18.08
C CYS A 181 10.78 2.76 -19.08
N ILE A 182 10.38 1.60 -18.56
CA ILE A 182 9.95 0.51 -19.41
C ILE A 182 8.76 0.97 -20.26
N GLN A 183 7.82 1.67 -19.63
CA GLN A 183 6.63 2.12 -20.34
C GLN A 183 6.98 3.04 -21.52
N TYR A 184 7.93 3.97 -21.33
CA TYR A 184 8.32 4.79 -22.48
C TYR A 184 8.94 3.95 -23.57
N GLU A 185 9.77 2.98 -23.18
CA GLU A 185 10.43 2.15 -24.18
C GLU A 185 9.41 1.33 -24.97
N VAL A 186 8.41 0.74 -24.30
CA VAL A 186 7.61 -0.31 -24.92
C VAL A 186 6.19 0.10 -25.27
N ASN A 187 5.71 1.25 -24.83
CA ASN A 187 4.30 1.59 -25.05
C ASN A 187 4.19 2.54 -26.23
N PRO A 188 3.69 2.12 -27.39
CA PRO A 188 3.58 3.04 -28.53
C PRO A 188 2.49 4.08 -28.36
N ASN A 189 1.61 3.95 -27.39
CA ASN A 189 0.61 5.00 -27.19
C ASN A 189 1.19 6.24 -26.51
N ILE A 190 2.36 6.15 -25.92
CA ILE A 190 3.00 7.31 -25.29
C ILE A 190 3.79 8.04 -26.38
N PRO A 191 3.51 9.31 -26.64
CA PRO A 191 4.21 10.00 -27.72
C PRO A 191 5.65 10.28 -27.35
N ASP A 192 6.45 10.48 -28.41
CA ASP A 192 7.83 10.91 -28.23
C ASP A 192 7.88 12.12 -27.29
N HIS A 193 8.79 12.06 -26.33
CA HIS A 193 9.04 13.19 -25.44
C HIS A 193 10.15 14.07 -26.02
N VAL A 194 9.86 15.35 -26.23
CA VAL A 194 10.86 16.30 -26.70
C VAL A 194 11.55 16.91 -25.48
N LEU A 195 12.86 16.73 -25.40
CA LEU A 195 13.63 17.17 -24.23
C LEU A 195 13.90 18.66 -24.34
N ALA A 196 14.68 19.18 -23.40
CA ALA A 196 15.00 20.60 -23.35
C ALA A 196 15.90 21.07 -24.48
N ASP A 197 16.41 20.18 -25.33
CA ASP A 197 17.28 20.58 -26.43
C ASP A 197 16.65 20.34 -27.79
N GLY A 198 15.33 20.16 -27.85
CA GLY A 198 14.71 19.73 -29.09
C GLY A 198 15.05 18.32 -29.48
N SER A 199 15.88 17.64 -28.70
CA SER A 199 16.15 16.23 -28.90
C SER A 199 14.98 15.42 -28.36
N VAL A 200 14.77 14.25 -28.98
CA VAL A 200 13.70 13.33 -28.62
C VAL A 200 14.31 12.22 -27.78
N ALA A 201 13.63 11.87 -26.69
CA ALA A 201 14.13 10.80 -25.81
C ALA A 201 14.01 9.46 -26.53
N PRO A 202 15.07 8.66 -26.58
CA PRO A 202 15.02 7.39 -27.31
C PRO A 202 14.28 6.32 -26.53
N ARG A 203 13.85 5.30 -27.26
CA ARG A 203 12.97 4.26 -26.71
C ARG A 203 13.84 3.16 -26.08
N ASN A 204 14.37 3.47 -24.89
CA ASN A 204 15.36 2.62 -24.26
C ASN A 204 15.30 2.90 -22.75
N ARG A 205 14.82 1.92 -21.97
CA ARG A 205 14.58 2.13 -20.55
C ARG A 205 15.84 2.61 -19.81
N GLU A 206 17.01 2.27 -20.33
CA GLU A 206 18.24 2.61 -19.64
C GLU A 206 18.68 4.06 -19.87
N LEU A 207 18.08 4.75 -20.83
CA LEU A 207 18.44 6.13 -21.16
C LEU A 207 17.34 7.13 -20.78
N VAL A 208 16.28 6.69 -20.12
CA VAL A 208 15.17 7.57 -19.77
C VAL A 208 15.53 8.40 -18.54
N THR A 209 15.37 9.72 -18.64
CA THR A 209 15.69 10.67 -17.58
C THR A 209 14.43 11.04 -16.80
N PRO A 210 14.58 11.70 -15.63
CA PRO A 210 13.39 12.08 -14.86
C PRO A 210 12.35 12.85 -15.67
N GLU A 211 12.81 13.70 -16.58
CA GLU A 211 11.91 14.52 -17.39
C GLU A 211 10.96 13.65 -18.20
N THR A 212 11.49 12.60 -18.82
CA THR A 212 10.66 11.69 -19.59
C THR A 212 9.78 10.84 -18.67
N VAL A 213 10.28 10.49 -17.48
CA VAL A 213 9.46 9.73 -16.54
C VAL A 213 8.21 10.52 -16.15
N HIS A 214 8.36 11.84 -15.94
CA HIS A 214 7.20 12.68 -15.66
C HIS A 214 6.29 12.79 -16.89
N HIS A 215 6.87 12.83 -18.08
CA HIS A 215 6.08 12.80 -19.33
C HIS A 215 5.21 11.54 -19.38
N VAL A 216 5.79 10.38 -19.06
CA VAL A 216 5.03 9.13 -18.98
C VAL A 216 3.91 9.23 -17.93
N ALA A 217 4.25 9.71 -16.73
CA ALA A 217 3.25 9.82 -15.66
C ALA A 217 2.09 10.71 -16.06
N GLN A 218 2.38 11.88 -16.63
CA GLN A 218 1.31 12.78 -17.09
C GLN A 218 0.44 12.09 -18.12
N HIS A 219 1.06 11.35 -19.04
CA HIS A 219 0.27 10.64 -20.05
C HIS A 219 -0.68 9.65 -19.40
N LEU A 220 -0.17 8.85 -18.46
CA LEU A 220 -0.99 7.81 -17.84
C LEU A 220 -2.10 8.41 -16.98
N ILE A 221 -1.80 9.47 -16.23
CA ILE A 221 -2.84 10.18 -15.48
C ILE A 221 -3.93 10.65 -16.43
N GLU A 222 -3.54 11.32 -17.52
CA GLU A 222 -4.53 11.77 -18.49
C GLU A 222 -5.33 10.59 -19.03
N HIS A 223 -4.67 9.45 -19.24
CA HIS A 223 -5.37 8.28 -19.75
C HIS A 223 -6.39 7.76 -18.74
N PHE A 224 -6.01 7.63 -17.46
CA PHE A 224 -6.85 6.96 -16.47
C PHE A 224 -7.80 7.89 -15.72
N LYS A 225 -7.83 9.19 -16.05
CA LYS A 225 -8.63 10.10 -15.23
C LYS A 225 -10.12 9.96 -15.49
N GLY A 226 -10.51 9.27 -16.56
CA GLY A 226 -11.91 8.92 -16.74
C GLY A 226 -12.42 7.78 -15.86
N PHE A 227 -11.56 7.22 -15.03
CA PHE A 227 -11.91 6.24 -13.99
C PHE A 227 -11.97 6.92 -12.64
N GLN A 228 -12.98 6.57 -11.83
CA GLN A 228 -13.02 7.03 -10.46
C GLN A 228 -12.16 6.12 -9.60
N ALA A 229 -11.37 6.72 -8.70
CA ALA A 229 -10.41 5.95 -7.90
C ALA A 229 -11.09 5.07 -6.87
N PRO A 230 -10.71 3.81 -6.74
CA PRO A 230 -11.15 2.98 -5.60
C PRO A 230 -10.64 3.54 -4.29
N PRO A 231 -11.21 3.11 -3.14
CA PRO A 231 -12.15 2.00 -2.99
C PRO A 231 -13.59 2.31 -3.40
N LEU A 232 -13.99 3.58 -3.36
CA LEU A 232 -15.39 3.92 -3.51
C LEU A 232 -15.71 4.93 -4.62
N GLY A 233 -14.73 5.35 -5.42
CA GLY A 233 -15.06 6.16 -6.58
C GLY A 233 -15.36 7.60 -6.26
N ASP A 234 -14.63 8.19 -5.33
CA ASP A 234 -14.91 9.53 -4.82
C ASP A 234 -14.23 10.64 -5.60
N ARG A 235 -13.23 10.33 -6.42
CA ARG A 235 -12.54 11.35 -7.21
C ARG A 235 -11.90 10.64 -8.39
N PRO A 236 -11.53 11.37 -9.44
CA PRO A 236 -10.80 10.75 -10.54
C PRO A 236 -9.47 10.16 -10.09
N VAL A 237 -9.05 9.10 -10.80
CA VAL A 237 -7.75 8.49 -10.54
C VAL A 237 -6.64 9.54 -10.64
N ASN A 238 -5.69 9.47 -9.71
CA ASN A 238 -4.54 10.37 -9.75
C ASN A 238 -3.24 9.57 -9.65
N ILE A 239 -2.12 10.25 -9.37
CA ILE A 239 -0.82 9.57 -9.36
C ILE A 239 -0.74 8.50 -8.27
N GLN A 240 -1.55 8.59 -7.23
CA GLN A 240 -1.55 7.52 -6.21
C GLN A 240 -1.94 6.18 -6.81
N GLU A 241 -2.98 6.16 -7.64
CA GLU A 241 -3.40 4.91 -8.28
C GLU A 241 -2.53 4.58 -9.49
N VAL A 242 -2.06 5.58 -10.23
CA VAL A 242 -1.16 5.30 -11.36
C VAL A 242 0.14 4.69 -10.88
N GLU A 243 0.67 5.15 -9.74
CA GLU A 243 1.86 4.51 -9.17
C GLU A 243 1.65 3.02 -8.98
N THR A 244 0.51 2.64 -8.40
CA THR A 244 0.23 1.23 -8.19
C THR A 244 0.06 0.50 -9.53
N ILE A 245 -0.67 1.12 -10.47
CA ILE A 245 -0.80 0.54 -11.80
C ILE A 245 0.57 0.32 -12.44
N LEU A 246 1.47 1.31 -12.32
CA LEU A 246 2.80 1.19 -12.94
C LEU A 246 3.59 0.05 -12.33
N CYS A 247 3.60 -0.05 -10.99
CA CYS A 247 4.43 -1.06 -10.33
C CYS A 247 3.87 -2.46 -10.54
N LYS A 248 2.55 -2.61 -10.44
CA LYS A 248 1.96 -3.92 -10.72
C LYS A 248 2.10 -4.27 -12.20
N TRP A 249 2.00 -3.28 -13.09
CA TRP A 249 2.17 -3.59 -14.51
C TRP A 249 3.60 -4.06 -14.78
N LYS A 250 4.59 -3.41 -14.16
CA LYS A 250 5.97 -3.86 -14.33
C LYS A 250 6.12 -5.31 -13.89
N SER A 251 5.52 -5.69 -12.76
CA SER A 251 5.55 -7.10 -12.36
C SER A 251 4.83 -7.98 -13.37
N HIS A 252 3.67 -7.50 -13.86
CA HIS A 252 2.86 -8.25 -14.82
C HIS A 252 3.66 -8.62 -16.07
N GLN A 253 4.31 -7.61 -16.68
CA GLN A 253 5.08 -7.88 -17.90
C GLN A 253 6.38 -8.62 -17.60
N ASN A 254 6.74 -8.78 -16.32
CA ASN A 254 7.86 -9.64 -15.92
C ASN A 254 7.43 -11.05 -15.55
N GLY A 255 6.15 -11.36 -15.63
CA GLY A 255 5.67 -12.68 -15.30
C GLY A 255 5.32 -12.89 -13.84
N HIS A 256 5.25 -11.82 -13.04
CA HIS A 256 5.07 -11.96 -11.61
C HIS A 256 3.76 -11.38 -11.10
N TYR A 257 2.82 -11.05 -11.99
CA TYR A 257 1.51 -10.57 -11.56
C TYR A 257 0.44 -11.03 -12.54
N PRO A 258 -0.03 -12.26 -12.39
CA PRO A 258 -1.25 -12.66 -13.11
C PRO A 258 -2.43 -11.85 -12.57
N LEU A 259 -3.48 -11.76 -13.40
CA LEU A 259 -4.67 -11.03 -12.98
C LEU A 259 -5.18 -11.57 -11.65
N PHE A 260 -5.66 -10.65 -10.80
CA PHE A 260 -6.23 -10.92 -9.49
C PHE A 260 -5.19 -11.33 -8.44
N LYS A 261 -3.88 -11.15 -8.71
CA LYS A 261 -2.85 -11.68 -7.79
C LYS A 261 -3.04 -11.19 -6.36
N ASP A 262 -3.27 -9.89 -6.18
CA ASP A 262 -3.39 -9.31 -4.84
C ASP A 262 -4.61 -9.89 -4.09
N ILE A 263 -5.78 -9.83 -4.72
CA ILE A 263 -7.01 -10.39 -4.13
C ILE A 263 -6.80 -11.86 -3.73
N VAL A 264 -6.25 -12.66 -4.65
CA VAL A 264 -6.10 -14.11 -4.39
C VAL A 264 -5.14 -14.35 -3.22
N GLU A 265 -4.00 -13.67 -3.22
CA GLU A 265 -3.02 -13.93 -2.16
C GLU A 265 -3.44 -13.38 -0.81
N ILE A 266 -4.14 -12.23 -0.77
CA ILE A 266 -4.67 -11.76 0.51
C ILE A 266 -5.66 -12.75 1.07
N ARG A 267 -6.66 -13.14 0.27
CA ARG A 267 -7.67 -14.07 0.75
C ARG A 267 -7.05 -15.37 1.23
N GLU A 268 -6.04 -15.85 0.51
CA GLU A 268 -5.33 -17.06 0.94
C GLU A 268 -4.65 -16.86 2.29
N ALA A 269 -3.98 -15.73 2.48
CA ALA A 269 -3.30 -15.47 3.75
C ALA A 269 -4.27 -15.12 4.87
N ALA A 270 -5.40 -14.50 4.54
CA ALA A 270 -6.32 -14.03 5.57
C ALA A 270 -7.26 -15.11 6.10
N LEU A 271 -7.56 -16.12 5.28
CA LEU A 271 -8.54 -17.12 5.69
C LEU A 271 -8.20 -17.83 7.01
N PRO A 272 -6.96 -18.27 7.27
CA PRO A 272 -6.68 -18.91 8.57
C PRO A 272 -7.05 -18.04 9.75
N TRP A 273 -6.93 -16.71 9.62
CA TRP A 273 -7.21 -15.81 10.74
C TRP A 273 -8.70 -15.70 11.04
N ALA A 274 -9.56 -15.94 10.05
CA ALA A 274 -11.01 -15.82 10.26
C ALA A 274 -11.53 -16.80 11.29
N LYS A 275 -10.83 -17.92 11.50
CA LYS A 275 -11.29 -18.88 12.49
C LYS A 275 -11.06 -18.38 13.91
N VAL A 276 -10.05 -17.54 14.13
CA VAL A 276 -9.61 -17.18 15.46
C VAL A 276 -9.97 -15.74 15.81
N SER A 277 -10.73 -15.05 14.96
CA SER A 277 -10.99 -13.65 15.23
C SER A 277 -12.25 -13.20 14.49
N LYS A 278 -13.18 -12.58 15.22
CA LYS A 278 -14.40 -12.08 14.60
C LYS A 278 -14.10 -10.97 13.59
N THR A 279 -13.17 -10.07 13.93
CA THR A 279 -12.79 -9.02 12.97
C THR A 279 -12.14 -9.64 11.74
N ALA A 280 -11.32 -10.68 11.92
CA ALA A 280 -10.69 -11.31 10.77
C ALA A 280 -11.73 -12.02 9.90
N GLN A 281 -12.79 -12.55 10.51
CA GLN A 281 -13.88 -13.10 9.72
C GLN A 281 -14.59 -12.00 8.94
N ALA A 282 -14.84 -10.85 9.57
CA ALA A 282 -15.41 -9.71 8.83
C ALA A 282 -14.47 -9.25 7.71
N PHE A 283 -13.16 -9.21 7.98
CA PHE A 283 -12.21 -8.79 6.94
C PHE A 283 -12.22 -9.75 5.76
N PHE A 284 -12.33 -11.05 6.02
CA PHE A 284 -12.37 -12.01 4.93
C PHE A 284 -13.63 -11.82 4.10
N GLU A 285 -14.77 -11.59 4.75
CA GLU A 285 -16.02 -11.39 4.01
C GLU A 285 -16.00 -10.09 3.21
N ALA A 286 -15.35 -9.06 3.75
CA ALA A 286 -15.30 -7.75 3.10
C ALA A 286 -14.34 -7.68 1.93
N MET A 287 -13.38 -8.60 1.82
CA MET A 287 -12.44 -8.56 0.70
C MET A 287 -13.17 -8.71 -0.63
N PRO A 288 -12.82 -7.94 -1.65
CA PRO A 288 -13.36 -8.22 -2.99
C PRO A 288 -12.88 -9.60 -3.46
N GLU A 289 -13.59 -10.15 -4.43
CA GLU A 289 -13.38 -11.51 -4.88
C GLU A 289 -12.94 -11.52 -6.33
N VAL A 290 -12.50 -12.69 -6.79
CA VAL A 290 -12.29 -12.92 -8.21
C VAL A 290 -13.63 -12.90 -8.94
N THR A 291 -13.70 -12.15 -10.03
CA THR A 291 -14.88 -11.97 -10.90
C THR A 291 -16.18 -11.78 -10.13
#